data_2X11
#
_entry.id   2X11
#
_cell.length_a   173.630
_cell.length_b   59.630
_cell.length_c   112.160
_cell.angle_alpha   90.00
_cell.angle_beta   90.00
_cell.angle_gamma   90.00
#
_symmetry.space_group_name_H-M   'P 2 2 21'
#
loop_
_entity.id
_entity.type
_entity.pdbx_description
1 polymer 'EPHRIN TYPE-A RECEPTOR 2'
2 polymer EPHRIN-A5
#
loop_
_entity_poly.entity_id
_entity_poly.type
_entity_poly.pdbx_seq_one_letter_code
_entity_poly.pdbx_strand_id
1 'polypeptide(L)'
;MGILPSPGMPALLSLVSLLSVLLMGCVAKEVVLLDFAAAGGELGWLTHPYGKGWDLMQNIMNDMPIYMYSVCNVMSGDQD
NWLRTNWVYRGEAERIFIELKFTVRDCNSFPGGASSCKETFNLYYAESDLDYGTNFQKRLFTKIDTIAPDEITVSSDFEA
RHVKLNVEERSVGPLTRKGFYLAFQDIGACVALLSVRVYYKKCPELLQGLAHFPETIAGSDAPSLATVAGTCVDHAVVPP
GGEEPRMHCAVDGEWLVPIGQCLCQAGYEKVEDACQACSPGFFKFEASESPCLECPEHTLPSPEGATSCECEEGFFRAPQ
DPASMPCTRPPSAPHYLTAVGMGAKVELRWTPPQDSGGREDIVYSVTCEQCWPESGECGPCEASVRYSEPPHGLTRTSVT
VSDLEPHMNYTFTVEARNGVSGLVTSRSFRTASVSINQTEPPKVRLEGRSTTSLSVSWSIPPPQQSRVWKYEVTYRKKGD
SNSYNVRRTEGFSVTLDDLAPDTTYLVQVQALTQEGQGAGSKVHEFQTLSPEGSGNGTKHHHHHH
;
A
2 'polypeptide(L)'
;MGILPSPGMPALLSLVSLLSVLLMGCVAAVADRYAVYWNSSNPRFQRGDYHIDVCINDYLDVFCPHYEDSVPEDKTERYV
LYMVNFDGYSACDHTSKGFKRWECNRPHSPNGPLKFSEKFQLFTPFSLGFEFRPGREYFYISSAIPDNGRRSCLKLKVFV
RPTNSCMKGTKHHHHHH
;
B
#
# COMPACT_ATOMS: atom_id res chain seq x y z
N LYS A 29 9.83 -12.97 -5.67
CA LYS A 29 10.95 -13.49 -4.89
C LYS A 29 11.37 -14.86 -5.40
N GLU A 30 12.68 -15.11 -5.44
CA GLU A 30 13.20 -16.33 -6.03
C GLU A 30 13.50 -17.42 -5.00
N VAL A 31 13.00 -18.63 -5.28
CA VAL A 31 13.31 -19.79 -4.45
C VAL A 31 14.35 -20.67 -5.14
N VAL A 32 15.51 -20.83 -4.50
CA VAL A 32 16.62 -21.56 -5.10
C VAL A 32 16.47 -23.08 -4.91
N LEU A 33 16.64 -23.81 -6.01
CA LEU A 33 16.55 -25.27 -5.98
C LEU A 33 17.93 -25.90 -6.11
N LEU A 34 18.85 -25.18 -6.75
CA LEU A 34 20.20 -25.68 -6.96
C LEU A 34 21.21 -24.54 -7.05
N ASP A 35 22.31 -24.67 -6.31
CA ASP A 35 23.36 -23.66 -6.33
C ASP A 35 24.73 -24.30 -6.14
N PHE A 36 25.41 -24.58 -7.24
CA PHE A 36 26.69 -25.28 -7.22
C PHE A 36 27.76 -24.52 -6.44
N ALA A 37 27.94 -23.24 -6.75
CA ALA A 37 29.00 -22.43 -6.15
C ALA A 37 28.88 -22.37 -4.62
N ALA A 38 27.68 -22.56 -4.10
CA ALA A 38 27.43 -22.44 -2.67
C ALA A 38 27.67 -23.76 -1.93
N ALA A 39 27.82 -24.84 -2.68
CA ALA A 39 27.94 -26.18 -2.09
C ALA A 39 29.35 -26.51 -1.63
N GLY A 40 30.31 -25.65 -1.95
CA GLY A 40 31.68 -25.85 -1.53
C GLY A 40 32.30 -27.13 -2.05
N GLY A 41 31.86 -27.56 -3.23
CA GLY A 41 32.43 -28.72 -3.88
C GLY A 41 32.06 -30.05 -3.27
N GLU A 42 30.88 -30.10 -2.64
CA GLU A 42 30.43 -31.32 -1.98
C GLU A 42 29.37 -32.06 -2.78
N LEU A 43 29.05 -31.55 -3.96
CA LEU A 43 27.94 -32.09 -4.74
C LEU A 43 28.22 -33.43 -5.42
N GLY A 44 29.43 -33.59 -5.94
CA GLY A 44 29.82 -34.83 -6.61
C GLY A 44 28.84 -35.25 -7.69
N TRP A 45 28.80 -34.50 -8.78
CA TRP A 45 27.90 -34.80 -9.89
C TRP A 45 28.40 -35.97 -10.72
N LEU A 46 27.47 -36.66 -11.38
CA LEU A 46 27.81 -37.80 -12.21
C LEU A 46 28.38 -37.36 -13.56
N THR A 47 29.48 -37.98 -13.96
CA THR A 47 30.10 -37.70 -15.25
C THR A 47 30.08 -38.93 -16.16
N HIS A 48 30.06 -38.69 -17.46
CA HIS A 48 29.97 -39.78 -18.44
C HIS A 48 30.63 -39.36 -19.75
N PRO A 49 31.45 -40.24 -20.32
CA PRO A 49 31.73 -41.58 -19.82
C PRO A 49 32.56 -41.59 -18.53
N TYR A 50 32.52 -42.72 -17.83
CA TYR A 50 33.20 -42.88 -16.54
C TYR A 50 34.64 -42.38 -16.54
N GLY A 51 34.87 -41.27 -15.84
CA GLY A 51 36.22 -40.75 -15.63
C GLY A 51 36.98 -40.38 -16.89
N LYS A 52 36.30 -39.70 -17.81
CA LYS A 52 36.92 -39.32 -19.08
C LYS A 52 36.67 -37.85 -19.42
N GLY A 53 35.45 -37.40 -19.19
CA GLY A 53 35.03 -36.07 -19.59
C GLY A 53 35.33 -34.99 -18.58
N TRP A 54 34.26 -34.45 -17.98
CA TRP A 54 34.37 -33.35 -17.03
C TRP A 54 35.13 -33.76 -15.78
N ASP A 55 35.87 -32.82 -15.20
CA ASP A 55 36.59 -33.06 -13.95
C ASP A 55 36.30 -31.95 -12.95
N LEU A 56 36.30 -32.30 -11.67
CA LEU A 56 36.10 -31.33 -10.62
C LEU A 56 37.42 -30.67 -10.25
N MET A 57 37.61 -29.44 -10.70
CA MET A 57 38.82 -28.69 -10.40
C MET A 57 38.59 -27.75 -9.23
N GLN A 58 39.67 -27.39 -8.55
CA GLN A 58 39.60 -26.43 -7.45
C GLN A 58 40.69 -25.37 -7.60
N ASN A 59 40.34 -24.13 -7.30
CA ASN A 59 41.24 -23.00 -7.48
C ASN A 59 40.96 -21.88 -6.47
N ILE A 60 41.78 -20.83 -6.51
CA ILE A 60 41.51 -19.65 -5.69
C ILE A 60 41.14 -18.47 -6.58
N MET A 61 40.00 -17.86 -6.27
CA MET A 61 39.59 -16.64 -6.95
C MET A 61 39.10 -15.63 -5.92
N ASN A 62 39.59 -14.40 -6.00
CA ASN A 62 39.20 -13.37 -5.04
C ASN A 62 39.59 -13.78 -3.63
N ASP A 63 40.72 -14.49 -3.52
CA ASP A 63 41.23 -14.93 -2.22
C ASP A 63 40.28 -15.93 -1.57
N MET A 64 39.42 -16.53 -2.39
CA MET A 64 38.45 -17.50 -1.91
C MET A 64 38.64 -18.85 -2.60
N PRO A 65 38.42 -19.94 -1.86
CA PRO A 65 38.48 -21.29 -2.43
C PRO A 65 37.23 -21.60 -3.22
N ILE A 66 37.38 -21.90 -4.51
CA ILE A 66 36.22 -22.20 -5.35
C ILE A 66 36.39 -23.53 -6.07
N TYR A 67 35.27 -24.10 -6.50
CA TYR A 67 35.29 -25.34 -7.27
C TYR A 67 34.69 -25.10 -8.66
N MET A 68 34.95 -26.03 -9.58
CA MET A 68 34.45 -25.90 -10.94
C MET A 68 34.59 -27.20 -11.73
N TYR A 69 33.66 -27.46 -12.63
CA TYR A 69 33.73 -28.60 -13.53
C TYR A 69 34.24 -28.12 -14.89
N SER A 70 35.36 -28.67 -15.34
CA SER A 70 35.99 -28.21 -16.57
C SER A 70 36.40 -29.36 -17.48
N VAL A 71 36.49 -29.10 -18.78
CA VAL A 71 36.90 -30.11 -19.75
C VAL A 71 37.58 -29.47 -20.96
N CYS A 72 38.73 -30.01 -21.37
CA CYS A 72 39.50 -29.43 -22.46
C CYS A 72 40.10 -30.48 -23.41
N ASN A 73 39.25 -31.32 -23.96
CA ASN A 73 39.69 -32.32 -24.92
C ASN A 73 39.60 -31.77 -26.35
N VAL A 74 40.42 -30.75 -26.63
CA VAL A 74 40.39 -30.06 -27.91
C VAL A 74 41.31 -30.71 -28.95
N MET A 75 42.05 -31.72 -28.54
CA MET A 75 43.01 -32.38 -29.42
C MET A 75 42.56 -33.78 -29.84
N SER A 76 41.48 -34.25 -29.24
CA SER A 76 41.11 -35.66 -29.33
C SER A 76 39.96 -35.98 -30.29
N GLY A 77 39.54 -34.99 -31.07
CA GLY A 77 38.50 -35.21 -32.06
C GLY A 77 37.09 -35.28 -31.47
N ASP A 78 36.29 -36.20 -31.99
CA ASP A 78 34.88 -36.33 -31.58
C ASP A 78 34.73 -36.53 -30.08
N GLN A 79 34.20 -35.53 -29.40
CA GLN A 79 33.98 -35.61 -27.96
C GLN A 79 32.49 -35.66 -27.63
N ASP A 80 32.15 -36.36 -26.56
CA ASP A 80 30.77 -36.49 -26.11
C ASP A 80 30.75 -36.70 -24.60
N ASN A 81 31.07 -35.65 -23.86
CA ASN A 81 31.17 -35.73 -22.41
C ASN A 81 29.97 -35.11 -21.71
N TRP A 82 29.41 -35.84 -20.75
CA TRP A 82 28.19 -35.42 -20.06
C TRP A 82 28.42 -35.19 -18.57
N LEU A 83 27.91 -34.06 -18.08
CA LEU A 83 27.94 -33.77 -16.65
C LEU A 83 26.52 -33.61 -16.15
N ARG A 84 26.06 -34.59 -15.37
CA ARG A 84 24.68 -34.58 -14.89
C ARG A 84 24.60 -34.14 -13.43
N THR A 85 23.72 -33.18 -13.17
CA THR A 85 23.48 -32.70 -11.82
C THR A 85 22.69 -33.73 -11.01
N ASN A 86 22.70 -33.56 -9.69
N ASN A 86 22.69 -33.54 -9.70
CA ASN A 86 21.92 -34.44 -8.83
CA ASN A 86 21.90 -34.37 -8.80
C ASN A 86 20.43 -34.19 -8.98
C ASN A 86 20.42 -34.27 -9.17
N TRP A 87 19.61 -35.19 -8.63
CA TRP A 87 18.18 -35.11 -8.82
C TRP A 87 17.61 -33.95 -8.02
N VAL A 88 16.87 -33.07 -8.71
CA VAL A 88 16.31 -31.89 -8.08
C VAL A 88 14.81 -32.02 -7.85
N TYR A 89 14.41 -32.07 -6.58
CA TYR A 89 13.00 -32.13 -6.23
C TYR A 89 12.28 -30.89 -6.72
N ARG A 90 11.27 -31.09 -7.57
CA ARG A 90 10.56 -29.97 -8.18
C ARG A 90 9.73 -29.17 -7.19
N GLY A 91 8.93 -29.87 -6.39
CA GLY A 91 8.02 -29.22 -5.47
C GLY A 91 6.87 -28.56 -6.19
N GLU A 92 6.74 -27.25 -6.02
CA GLU A 92 5.65 -26.49 -6.61
C GLU A 92 6.12 -25.70 -7.82
N ALA A 93 7.36 -25.95 -8.24
CA ALA A 93 7.94 -25.23 -9.37
C ALA A 93 7.35 -25.68 -10.70
N GLU A 94 6.94 -24.72 -11.52
CA GLU A 94 6.42 -25.03 -12.85
C GLU A 94 7.41 -24.59 -13.94
N ARG A 95 7.87 -23.34 -13.85
CA ARG A 95 8.93 -22.88 -14.74
C ARG A 95 10.19 -22.53 -13.96
N ILE A 96 11.27 -23.25 -14.25
CA ILE A 96 12.54 -23.03 -13.58
C ILE A 96 13.48 -22.18 -14.43
N PHE A 97 14.28 -21.35 -13.77
CA PHE A 97 15.27 -20.52 -14.45
C PHE A 97 16.68 -21.01 -14.14
N ILE A 98 17.46 -21.24 -15.18
CA ILE A 98 18.80 -21.81 -15.05
C ILE A 98 19.88 -20.77 -15.34
N GLU A 99 20.67 -20.44 -14.32
CA GLU A 99 21.74 -19.45 -14.46
C GLU A 99 23.10 -20.12 -14.52
N LEU A 100 23.79 -19.96 -15.64
CA LEU A 100 25.11 -20.56 -15.81
C LEU A 100 26.21 -19.50 -15.85
N LYS A 101 27.28 -19.74 -15.11
CA LYS A 101 28.48 -18.90 -15.20
C LYS A 101 29.65 -19.78 -15.62
N PHE A 102 30.41 -19.31 -16.61
CA PHE A 102 31.43 -20.16 -17.20
C PHE A 102 32.44 -19.37 -18.03
N THR A 103 33.53 -20.04 -18.37
CA THR A 103 34.52 -19.48 -19.27
C THR A 103 34.74 -20.43 -20.44
N VAL A 104 35.12 -19.88 -21.58
CA VAL A 104 35.41 -20.68 -22.77
C VAL A 104 36.70 -20.17 -23.38
N ARG A 105 37.58 -21.09 -23.76
CA ARG A 105 38.90 -20.70 -24.25
C ARG A 105 38.96 -20.56 -25.77
N ASP A 106 39.70 -19.54 -26.21
CA ASP A 106 39.89 -19.29 -27.63
C ASP A 106 40.50 -20.50 -28.33
N CYS A 107 39.80 -21.02 -29.34
CA CYS A 107 40.29 -22.15 -30.11
C CYS A 107 41.57 -21.81 -30.85
N ASN A 108 41.82 -20.52 -31.04
CA ASN A 108 43.02 -20.06 -31.73
C ASN A 108 44.26 -20.15 -30.84
N SER A 109 44.05 -20.27 -29.53
CA SER A 109 45.14 -20.20 -28.57
C SER A 109 45.77 -21.56 -28.26
N PHE A 110 45.52 -22.55 -29.10
CA PHE A 110 46.09 -23.87 -28.89
C PHE A 110 47.21 -24.16 -29.88
N PRO A 111 48.45 -24.30 -29.38
CA PRO A 111 49.63 -24.57 -30.20
C PRO A 111 49.34 -25.56 -31.32
N GLY A 112 48.69 -26.66 -30.98
CA GLY A 112 48.23 -27.61 -31.97
C GLY A 112 46.91 -27.13 -32.55
N GLY A 113 45.83 -27.37 -31.81
CA GLY A 113 44.51 -26.89 -32.19
C GLY A 113 43.96 -27.51 -33.46
N ALA A 114 43.41 -28.71 -33.32
CA ALA A 114 42.74 -29.38 -34.43
C ALA A 114 41.44 -28.67 -34.75
N SER A 115 40.93 -28.86 -35.97
CA SER A 115 39.67 -28.27 -36.38
C SER A 115 38.51 -28.96 -35.68
N SER A 116 38.81 -29.66 -34.59
CA SER A 116 37.79 -30.34 -33.80
C SER A 116 37.51 -29.54 -32.53
N CYS A 117 38.06 -28.32 -32.48
CA CYS A 117 37.87 -27.43 -31.34
C CYS A 117 36.54 -26.68 -31.46
N LYS A 118 35.77 -26.70 -30.37
CA LYS A 118 34.49 -25.99 -30.33
C LYS A 118 34.55 -24.89 -29.28
N GLU A 119 33.63 -23.94 -29.38
CA GLU A 119 33.56 -22.84 -28.42
C GLU A 119 32.15 -22.72 -27.83
N THR A 120 31.41 -23.83 -27.88
CA THR A 120 30.09 -23.89 -27.27
C THR A 120 29.92 -25.22 -26.55
N PHE A 121 28.91 -25.29 -25.69
CA PHE A 121 28.52 -26.56 -25.08
C PHE A 121 27.00 -26.57 -24.93
N ASN A 122 26.44 -27.76 -24.71
CA ASN A 122 24.99 -27.91 -24.74
C ASN A 122 24.35 -28.13 -23.37
N LEU A 123 23.19 -27.49 -23.18
CA LEU A 123 22.43 -27.60 -21.94
C LEU A 123 21.23 -28.52 -22.12
N TYR A 124 21.22 -29.64 -21.39
CA TYR A 124 20.12 -30.58 -21.46
C TYR A 124 19.35 -30.65 -20.15
N TYR A 125 18.19 -31.31 -20.18
CA TYR A 125 17.39 -31.53 -18.98
C TYR A 125 16.53 -32.77 -19.17
N ALA A 126 16.09 -33.35 -18.05
CA ALA A 126 15.24 -34.52 -18.10
C ALA A 126 14.33 -34.58 -16.88
N GLU A 127 13.04 -34.78 -17.10
CA GLU A 127 12.10 -34.92 -16.00
C GLU A 127 12.04 -36.36 -15.53
N SER A 128 11.75 -36.55 -14.25
CA SER A 128 11.74 -37.89 -13.67
C SER A 128 10.87 -37.93 -12.41
N ASP A 129 10.27 -39.10 -12.16
CA ASP A 129 9.47 -39.29 -10.96
C ASP A 129 10.34 -39.77 -9.80
N LEU A 130 11.42 -40.48 -10.13
CA LEU A 130 12.34 -40.97 -9.12
C LEU A 130 13.81 -40.81 -9.52
N ASP A 131 14.69 -40.83 -8.53
CA ASP A 131 16.12 -40.66 -8.75
C ASP A 131 16.74 -41.94 -9.31
N TYR A 132 17.33 -41.84 -10.49
CA TYR A 132 17.93 -43.01 -11.15
C TYR A 132 19.34 -43.31 -10.63
N GLY A 133 19.85 -42.44 -9.76
CA GLY A 133 21.16 -42.62 -9.18
C GLY A 133 22.28 -42.65 -10.19
N THR A 134 23.04 -43.75 -10.20
CA THR A 134 24.20 -43.87 -11.08
C THR A 134 23.80 -44.15 -12.53
N ASN A 135 22.51 -44.39 -12.75
CA ASN A 135 22.01 -44.62 -14.11
C ASN A 135 22.02 -43.35 -14.93
N PHE A 136 22.62 -43.41 -16.11
CA PHE A 136 22.61 -42.27 -17.03
C PHE A 136 22.45 -42.69 -18.48
N GLN A 137 21.28 -42.37 -19.05
CA GLN A 137 21.01 -42.62 -20.45
C GLN A 137 20.74 -41.29 -21.16
N LYS A 138 21.64 -40.93 -22.08
CA LYS A 138 21.60 -39.62 -22.73
C LYS A 138 20.27 -39.33 -23.42
N ARG A 139 19.80 -40.28 -24.23
CA ARG A 139 18.62 -40.07 -25.06
C ARG A 139 17.33 -39.89 -24.24
N LEU A 140 17.47 -39.78 -22.93
CA LEU A 140 16.34 -39.41 -22.09
C LEU A 140 16.25 -37.89 -22.04
N PHE A 141 17.39 -37.24 -22.27
CA PHE A 141 17.52 -35.79 -22.12
C PHE A 141 17.11 -34.99 -23.35
N THR A 142 16.41 -33.89 -23.11
CA THR A 142 15.99 -32.98 -24.17
C THR A 142 16.87 -31.74 -24.16
N LYS A 143 17.36 -31.35 -25.32
CA LYS A 143 18.23 -30.19 -25.40
C LYS A 143 17.44 -28.90 -25.17
N ILE A 144 17.94 -28.06 -24.28
CA ILE A 144 17.31 -26.79 -23.99
C ILE A 144 17.83 -25.72 -24.94
N ASP A 145 19.15 -25.66 -25.10
CA ASP A 145 19.78 -24.68 -25.99
C ASP A 145 21.30 -24.83 -26.02
N THR A 146 21.91 -24.26 -27.05
CA THR A 146 23.37 -24.20 -27.15
C THR A 146 23.87 -23.01 -26.35
N ILE A 147 24.90 -23.23 -25.53
CA ILE A 147 25.46 -22.18 -24.71
C ILE A 147 26.74 -21.62 -25.33
N ALA A 148 26.71 -20.33 -25.65
CA ALA A 148 27.87 -19.67 -26.25
C ALA A 148 28.33 -18.50 -25.40
N PRO A 149 29.65 -18.27 -25.35
CA PRO A 149 30.26 -17.20 -24.54
C PRO A 149 30.22 -15.86 -25.23
N ASP A 150 29.82 -14.81 -24.50
CA ASP A 150 29.95 -13.45 -25.02
C ASP A 150 31.42 -13.07 -25.05
N GLU A 151 32.14 -13.44 -23.99
CA GLU A 151 33.57 -13.16 -23.88
C GLU A 151 34.40 -14.43 -24.04
N ILE A 152 35.27 -14.45 -25.05
CA ILE A 152 36.20 -15.54 -25.23
C ILE A 152 37.51 -15.27 -24.50
N THR A 153 38.05 -16.31 -23.86
CA THR A 153 39.32 -16.19 -23.17
C THR A 153 40.48 -16.37 -24.14
N VAL A 154 41.25 -15.31 -24.35
CA VAL A 154 42.40 -15.35 -25.25
C VAL A 154 43.68 -15.66 -24.48
N SER A 155 44.72 -16.02 -25.22
CA SER A 155 46.01 -16.41 -24.64
C SER A 155 46.63 -15.30 -23.81
N SER A 156 46.41 -14.06 -24.22
CA SER A 156 46.98 -12.92 -23.51
C SER A 156 46.34 -12.80 -22.14
N ASP A 157 45.07 -13.18 -22.05
CA ASP A 157 44.35 -13.23 -20.78
C ASP A 157 45.09 -14.11 -19.77
N PHE A 158 46.08 -14.86 -20.23
CA PHE A 158 46.76 -15.85 -19.41
C PHE A 158 47.91 -15.31 -18.55
N GLU A 159 48.73 -14.44 -19.11
CA GLU A 159 49.81 -13.87 -18.30
C GLU A 159 49.30 -12.67 -17.50
N ALA A 160 48.01 -12.36 -17.66
CA ALA A 160 47.43 -11.18 -17.03
C ALA A 160 46.48 -11.54 -15.88
N ARG A 161 46.35 -12.82 -15.59
CA ARG A 161 45.42 -13.28 -14.57
C ARG A 161 44.05 -12.61 -14.66
N HIS A 162 43.45 -12.68 -15.84
CA HIS A 162 42.18 -12.04 -16.13
C HIS A 162 41.07 -13.05 -16.45
N VAL A 163 40.10 -13.14 -15.55
CA VAL A 163 39.01 -14.09 -15.69
C VAL A 163 37.77 -13.46 -16.34
N LYS A 164 37.45 -13.91 -17.54
CA LYS A 164 36.26 -13.44 -18.24
C LYS A 164 35.09 -14.40 -18.01
N LEU A 165 34.29 -14.10 -17.00
CA LEU A 165 33.20 -14.98 -16.58
C LEU A 165 31.89 -14.65 -17.29
N ASN A 166 31.46 -15.55 -18.18
CA ASN A 166 30.21 -15.38 -18.92
C ASN A 166 28.99 -15.73 -18.07
N VAL A 167 27.89 -15.03 -18.29
CA VAL A 167 26.64 -15.34 -17.61
C VAL A 167 25.52 -15.61 -18.61
N GLU A 168 24.93 -16.80 -18.51
CA GLU A 168 23.85 -17.20 -19.42
C GLU A 168 22.69 -17.78 -18.64
N GLU A 169 21.47 -17.41 -19.02
CA GLU A 169 20.28 -17.90 -18.34
C GLU A 169 19.23 -18.42 -19.30
N ARG A 170 18.66 -19.58 -18.97
CA ARG A 170 17.60 -20.19 -19.76
C ARG A 170 16.47 -20.59 -18.84
N SER A 171 15.31 -20.91 -19.42
CA SER A 171 14.16 -21.35 -18.64
C SER A 171 13.36 -22.42 -19.36
N VAL A 172 12.83 -23.36 -18.59
CA VAL A 172 12.05 -24.45 -19.16
C VAL A 172 10.79 -24.69 -18.34
N GLY A 173 9.69 -24.97 -19.04
CA GLY A 173 8.42 -25.25 -18.41
C GLY A 173 7.41 -25.59 -19.48
N PRO A 174 6.26 -26.16 -19.08
CA PRO A 174 5.94 -26.47 -17.68
C PRO A 174 6.49 -27.80 -17.19
N LEU A 175 7.19 -27.78 -16.05
CA LEU A 175 7.61 -29.01 -15.41
C LEU A 175 6.38 -29.70 -14.82
N THR A 176 6.31 -31.02 -14.96
CA THR A 176 5.10 -31.75 -14.58
C THR A 176 5.37 -32.93 -13.67
N ARG A 177 6.58 -33.48 -13.73
CA ARG A 177 6.92 -34.66 -12.94
C ARG A 177 7.58 -34.30 -11.61
N LYS A 178 7.71 -35.30 -10.74
CA LYS A 178 8.17 -35.09 -9.37
C LYS A 178 9.53 -34.40 -9.25
N GLY A 179 10.41 -34.63 -10.21
CA GLY A 179 11.75 -34.06 -10.17
C GLY A 179 12.39 -33.94 -11.54
N PHE A 180 13.63 -33.46 -11.58
CA PHE A 180 14.32 -33.27 -12.84
C PHE A 180 15.83 -33.23 -12.69
N TYR A 181 16.53 -33.57 -13.78
CA TYR A 181 17.97 -33.43 -13.84
C TYR A 181 18.34 -32.30 -14.78
N LEU A 182 19.55 -31.76 -14.61
CA LEU A 182 20.16 -30.92 -15.62
C LEU A 182 21.43 -31.61 -16.08
N ALA A 183 21.72 -31.52 -17.38
CA ALA A 183 22.90 -32.17 -17.94
C ALA A 183 23.65 -31.24 -18.88
N PHE A 184 24.98 -31.31 -18.85
CA PHE A 184 25.80 -30.47 -19.71
C PHE A 184 26.66 -31.33 -20.64
N GLN A 185 26.49 -31.13 -21.95
CA GLN A 185 27.24 -31.90 -22.94
C GLN A 185 28.37 -31.10 -23.58
N ASP A 186 29.58 -31.64 -23.46
CA ASP A 186 30.76 -31.07 -24.12
C ASP A 186 31.00 -31.84 -25.42
N ILE A 187 31.23 -31.11 -26.51
CA ILE A 187 31.44 -31.73 -27.80
C ILE A 187 32.84 -31.49 -28.35
N GLY A 188 33.72 -31.00 -27.48
CA GLY A 188 35.10 -30.73 -27.85
C GLY A 188 35.51 -29.29 -27.60
N ALA A 189 35.03 -28.73 -26.49
CA ALA A 189 35.32 -27.33 -26.17
C ALA A 189 36.23 -27.21 -24.95
N CYS A 190 36.75 -26.01 -24.73
CA CYS A 190 37.62 -25.73 -23.60
C CYS A 190 36.86 -24.91 -22.57
N VAL A 191 36.06 -25.59 -21.75
CA VAL A 191 35.11 -24.92 -20.87
C VAL A 191 35.32 -25.26 -19.39
N ALA A 192 34.90 -24.35 -18.52
CA ALA A 192 34.90 -24.59 -17.08
C ALA A 192 33.65 -23.97 -16.45
N LEU A 193 32.87 -24.79 -15.75
CA LEU A 193 31.61 -24.34 -15.18
C LEU A 193 31.83 -23.85 -13.75
N LEU A 194 31.71 -22.55 -13.54
CA LEU A 194 31.96 -21.96 -12.23
C LEU A 194 30.71 -21.96 -11.35
N SER A 195 29.54 -21.84 -11.98
CA SER A 195 28.30 -21.71 -11.22
C SER A 195 27.09 -22.26 -11.97
N VAL A 196 26.24 -22.98 -11.24
CA VAL A 196 24.96 -23.46 -11.77
C VAL A 196 23.86 -23.16 -10.75
N ARG A 197 22.91 -22.31 -11.14
CA ARG A 197 21.90 -21.84 -10.21
C ARG A 197 20.48 -21.96 -10.78
N VAL A 198 19.68 -22.83 -10.18
CA VAL A 198 18.31 -23.07 -10.63
C VAL A 198 17.30 -22.56 -9.62
N TYR A 199 16.29 -21.83 -10.10
CA TYR A 199 15.30 -21.25 -9.20
C TYR A 199 13.97 -21.01 -9.90
N TYR A 200 12.89 -20.96 -9.13
CA TYR A 200 11.59 -20.54 -9.65
C TYR A 200 11.11 -19.28 -8.93
N LYS A 201 10.16 -18.58 -9.53
CA LYS A 201 9.75 -17.27 -9.02
C LYS A 201 8.45 -17.31 -8.19
N LYS A 202 8.40 -16.48 -7.16
CA LYS A 202 7.32 -16.58 -6.20
C LYS A 202 6.75 -15.23 -5.83
N CYS A 203 5.53 -14.97 -6.27
CA CYS A 203 4.88 -13.74 -5.89
C CYS A 203 4.87 -13.61 -4.38
N PRO A 204 5.55 -12.58 -3.85
CA PRO A 204 5.77 -12.35 -2.42
C PRO A 204 4.51 -12.08 -1.61
N GLU A 205 4.55 -12.44 -0.34
CA GLU A 205 3.44 -12.18 0.56
C GLU A 205 3.19 -10.68 0.54
N LEU A 206 1.91 -10.29 0.45
CA LEU A 206 1.60 -8.88 0.18
C LEU A 206 0.57 -8.28 1.13
N LEU A 207 0.86 -7.07 1.61
CA LEU A 207 -0.09 -6.27 2.38
C LEU A 207 -0.47 -5.04 1.57
N GLN A 208 -1.68 -5.02 1.02
CA GLN A 208 -2.13 -3.90 0.22
C GLN A 208 -3.65 -3.75 0.24
N GLY A 209 -4.12 -2.50 0.24
CA GLY A 209 -5.55 -2.21 0.29
C GLY A 209 -6.17 -2.72 1.57
N LEU A 210 -5.38 -2.77 2.64
CA LEU A 210 -5.86 -3.25 3.93
C LEU A 210 -6.31 -4.70 3.84
N ALA A 211 -5.62 -5.46 2.99
CA ALA A 211 -5.91 -6.87 2.82
C ALA A 211 -4.59 -7.64 2.76
N HIS A 212 -4.65 -8.95 3.01
CA HIS A 212 -3.46 -9.77 3.00
C HIS A 212 -3.47 -10.80 1.88
N PHE A 213 -2.38 -10.87 1.14
CA PHE A 213 -2.27 -11.81 0.02
C PHE A 213 -1.11 -12.77 0.25
N PRO A 214 -1.40 -14.07 0.30
CA PRO A 214 -0.39 -15.11 0.55
C PRO A 214 0.65 -15.19 -0.56
N GLU A 215 1.84 -15.67 -0.21
CA GLU A 215 2.89 -15.89 -1.19
C GLU A 215 2.44 -17.00 -2.14
N THR A 216 2.32 -16.67 -3.42
CA THR A 216 1.84 -17.65 -4.40
C THR A 216 2.86 -17.90 -5.52
N ILE A 217 2.77 -19.07 -6.14
CA ILE A 217 3.75 -19.50 -7.13
C ILE A 217 3.41 -18.96 -8.51
N ALA A 218 4.40 -18.41 -9.18
CA ALA A 218 4.25 -17.96 -10.56
C ALA A 218 3.88 -19.14 -11.45
N GLY A 219 2.76 -19.03 -12.15
CA GLY A 219 2.32 -20.07 -13.05
C GLY A 219 3.39 -20.37 -14.09
N SER A 220 3.18 -21.43 -14.86
CA SER A 220 4.16 -21.81 -15.88
C SER A 220 3.86 -21.16 -17.22
N ASP A 221 2.60 -21.23 -17.65
CA ASP A 221 2.18 -20.63 -18.91
C ASP A 221 2.40 -19.13 -18.88
N ALA A 222 2.97 -18.58 -19.95
CA ALA A 222 3.25 -17.15 -20.03
C ALA A 222 2.03 -16.27 -19.76
N PRO A 223 0.90 -16.58 -20.43
CA PRO A 223 -0.32 -15.78 -20.22
C PRO A 223 -0.98 -16.09 -18.88
N SER A 224 -0.19 -16.53 -17.91
CA SER A 224 -0.73 -16.90 -16.60
C SER A 224 -0.98 -15.72 -15.69
N LEU A 225 -2.25 -15.53 -15.33
CA LEU A 225 -2.63 -14.56 -14.32
C LEU A 225 -3.51 -15.24 -13.28
N ALA A 226 -2.88 -15.71 -12.21
CA ALA A 226 -3.59 -16.40 -11.15
C ALA A 226 -4.28 -15.42 -10.21
N THR A 227 -5.60 -15.51 -10.13
CA THR A 227 -6.37 -14.65 -9.23
C THR A 227 -6.25 -15.12 -7.79
N VAL A 228 -5.69 -14.28 -6.93
CA VAL A 228 -5.49 -14.61 -5.53
C VAL A 228 -6.37 -13.75 -4.62
N ALA A 229 -7.30 -14.39 -3.94
CA ALA A 229 -8.19 -13.70 -3.01
C ALA A 229 -7.41 -13.17 -1.82
N GLY A 230 -7.78 -11.98 -1.35
CA GLY A 230 -7.10 -11.38 -0.20
C GLY A 230 -7.93 -11.49 1.07
N THR A 231 -7.26 -11.35 2.20
CA THR A 231 -7.93 -11.42 3.50
C THR A 231 -7.87 -10.08 4.23
N CYS A 232 -9.04 -9.53 4.53
CA CYS A 232 -9.11 -8.26 5.25
C CYS A 232 -8.33 -8.35 6.56
N VAL A 233 -7.41 -7.41 6.74
CA VAL A 233 -6.66 -7.31 7.99
C VAL A 233 -7.63 -7.02 9.12
N ASP A 234 -7.19 -7.25 10.35
CA ASP A 234 -8.05 -7.06 11.52
C ASP A 234 -8.65 -5.66 11.55
N HIS A 235 -9.94 -5.59 11.89
CA HIS A 235 -10.66 -4.33 12.00
C HIS A 235 -10.89 -3.66 10.64
N ALA A 236 -10.76 -4.46 9.57
CA ALA A 236 -11.04 -3.98 8.23
C ALA A 236 -12.22 -4.76 7.64
N VAL A 237 -12.90 -4.18 6.65
CA VAL A 237 -14.06 -4.84 6.06
C VAL A 237 -14.35 -4.40 4.62
N VAL A 238 -15.11 -5.23 3.92
CA VAL A 238 -15.62 -4.87 2.59
C VAL A 238 -17.08 -4.43 2.73
N PRO A 239 -17.33 -3.16 2.42
CA PRO A 239 -18.53 -2.39 2.77
C PRO A 239 -19.82 -2.62 1.98
N PRO A 240 -19.77 -2.52 0.64
CA PRO A 240 -21.00 -2.36 -0.15
C PRO A 240 -21.93 -3.57 -0.06
N GLU A 243 -16.70 -4.48 -3.34
CA GLU A 243 -15.86 -5.35 -4.15
C GLU A 243 -14.78 -5.98 -3.29
N GLU A 244 -14.69 -7.31 -3.34
CA GLU A 244 -13.73 -8.03 -2.52
C GLU A 244 -12.33 -8.00 -3.12
N PRO A 245 -11.30 -7.85 -2.26
CA PRO A 245 -9.91 -7.66 -2.65
C PRO A 245 -9.34 -8.86 -3.40
N ARG A 246 -8.71 -8.59 -4.54
CA ARG A 246 -8.10 -9.63 -5.36
C ARG A 246 -6.84 -9.11 -6.04
N MET A 247 -5.85 -9.99 -6.16
CA MET A 247 -4.63 -9.67 -6.88
C MET A 247 -4.36 -10.75 -7.94
N HIS A 248 -3.53 -10.42 -8.91
CA HIS A 248 -3.22 -11.34 -10.01
C HIS A 248 -1.72 -11.56 -10.16
N CYS A 249 -1.29 -12.79 -9.90
CA CYS A 249 0.13 -13.16 -9.95
C CYS A 249 0.57 -13.54 -11.36
N ALA A 250 1.59 -12.85 -11.86
CA ALA A 250 2.12 -13.13 -13.19
C ALA A 250 3.28 -14.12 -13.13
N VAL A 251 3.78 -14.50 -14.30
CA VAL A 251 4.82 -15.51 -14.40
C VAL A 251 6.18 -15.02 -13.92
N ASP A 252 6.34 -13.70 -13.88
CA ASP A 252 7.60 -13.08 -13.45
C ASP A 252 7.58 -12.71 -11.97
N GLY A 253 6.47 -13.01 -11.30
CA GLY A 253 6.35 -12.79 -9.88
C GLY A 253 5.74 -11.45 -9.48
N GLU A 254 5.16 -10.75 -10.45
CA GLU A 254 4.56 -9.45 -10.18
C GLU A 254 3.06 -9.54 -9.90
N TRP A 255 2.60 -8.83 -8.87
CA TRP A 255 1.17 -8.63 -8.66
C TRP A 255 0.73 -7.53 -9.62
N LEU A 256 -0.26 -7.83 -10.45
CA LEU A 256 -0.57 -6.94 -11.57
C LEU A 256 -1.75 -5.98 -11.36
N VAL A 257 -2.97 -6.51 -11.31
CA VAL A 257 -4.15 -5.66 -11.27
C VAL A 257 -5.02 -5.84 -10.03
N PRO A 258 -5.03 -4.83 -9.14
CA PRO A 258 -5.82 -4.81 -7.91
C PRO A 258 -7.31 -4.60 -8.14
N ILE A 259 -8.13 -5.50 -7.60
CA ILE A 259 -9.58 -5.34 -7.66
C ILE A 259 -10.19 -5.31 -6.26
N GLY A 260 -10.89 -4.22 -5.96
CA GLY A 260 -11.53 -4.07 -4.66
C GLY A 260 -10.55 -3.71 -3.56
N GLN A 261 -11.07 -3.57 -2.34
CA GLN A 261 -10.25 -3.20 -1.20
C GLN A 261 -11.00 -3.42 0.11
N CYS A 262 -10.26 -3.39 1.21
CA CYS A 262 -10.88 -3.41 2.52
C CYS A 262 -10.76 -2.01 3.12
N LEU A 263 -11.80 -1.60 3.81
CA LEU A 263 -11.85 -0.27 4.40
C LEU A 263 -11.77 -0.28 5.92
N CYS A 264 -11.07 0.71 6.47
CA CYS A 264 -11.13 0.94 7.91
C CYS A 264 -12.56 1.34 8.29
N GLN A 265 -13.31 0.41 8.87
CA GLN A 265 -14.72 0.64 9.16
C GLN A 265 -14.92 1.66 10.27
N ALA A 266 -16.18 1.93 10.58
CA ALA A 266 -16.55 2.86 11.63
C ALA A 266 -15.69 2.68 12.89
N GLY A 267 -15.27 3.79 13.46
CA GLY A 267 -14.45 3.76 14.67
C GLY A 267 -12.98 3.52 14.38
N TYR A 268 -12.66 3.28 13.11
CA TYR A 268 -11.27 3.03 12.71
C TYR A 268 -10.83 3.90 11.54
N GLU A 269 -9.54 4.18 11.48
CA GLU A 269 -8.97 4.96 10.38
C GLU A 269 -7.70 4.30 9.88
N LYS A 270 -7.16 4.81 8.78
CA LYS A 270 -5.96 4.24 8.18
C LYS A 270 -4.68 4.90 8.68
N VAL A 271 -3.89 4.15 9.42
CA VAL A 271 -2.60 4.61 9.89
C VAL A 271 -1.50 3.73 9.30
N GLU A 272 -0.69 4.30 8.42
CA GLU A 272 0.30 3.53 7.67
C GLU A 272 -0.38 2.46 6.82
N ASP A 273 -0.16 1.20 7.16
CA ASP A 273 -0.67 0.09 6.35
C ASP A 273 -1.77 -0.71 7.06
N ALA A 274 -2.28 -0.19 8.17
CA ALA A 274 -3.31 -0.90 8.92
C ALA A 274 -4.39 0.04 9.44
N CYS A 275 -5.38 -0.52 10.14
CA CYS A 275 -6.44 0.26 10.73
C CYS A 275 -6.23 0.45 12.23
N GLN A 276 -6.41 1.68 12.70
CA GLN A 276 -6.20 2.02 14.10
C GLN A 276 -7.47 2.65 14.67
N ALA A 277 -7.72 2.39 15.95
CA ALA A 277 -8.89 2.97 16.61
C ALA A 277 -8.75 4.49 16.66
N CYS A 278 -9.87 5.19 16.50
CA CYS A 278 -9.88 6.65 16.56
C CYS A 278 -9.32 7.13 17.89
N SER A 279 -8.56 8.22 17.86
CA SER A 279 -7.95 8.77 19.05
C SER A 279 -9.01 9.34 19.98
N PRO A 280 -8.68 9.46 21.26
CA PRO A 280 -9.61 10.12 22.19
C PRO A 280 -9.92 11.54 21.71
N GLY A 281 -11.20 11.84 21.62
CA GLY A 281 -11.66 13.13 21.12
C GLY A 281 -11.89 13.14 19.62
N PHE A 282 -11.90 11.97 19.00
CA PHE A 282 -12.22 11.87 17.58
C PHE A 282 -13.33 10.84 17.35
N PHE A 283 -13.76 10.70 16.11
CA PHE A 283 -14.83 9.79 15.77
C PHE A 283 -14.83 9.47 14.29
N LYS A 284 -15.51 8.39 13.93
CA LYS A 284 -15.74 8.04 12.53
C LYS A 284 -16.95 7.14 12.42
N PHE A 285 -17.95 7.59 11.66
CA PHE A 285 -19.25 6.94 11.63
C PHE A 285 -19.41 5.90 10.51
N GLU A 286 -18.68 6.08 9.42
CA GLU A 286 -18.84 5.19 8.27
C GLU A 286 -17.53 4.52 7.88
N ALA A 287 -17.62 3.57 6.94
CA ALA A 287 -16.44 2.95 6.36
C ALA A 287 -16.01 3.76 5.13
N SER A 288 -15.00 4.61 5.32
CA SER A 288 -14.52 5.46 4.25
C SER A 288 -13.00 5.50 4.25
N GLU A 289 -12.43 6.16 3.24
CA GLU A 289 -10.98 6.33 3.16
C GLU A 289 -10.59 7.67 3.75
N SER A 290 -11.41 8.16 4.67
CA SER A 290 -11.15 9.42 5.33
C SER A 290 -10.66 9.18 6.76
N PRO A 291 -9.88 10.14 7.30
CA PRO A 291 -9.38 10.05 8.68
C PRO A 291 -10.51 10.29 9.68
N CYS A 292 -10.20 10.14 10.96
CA CYS A 292 -11.19 10.40 12.01
C CYS A 292 -11.43 11.90 12.16
N LEU A 293 -12.69 12.30 12.16
CA LEU A 293 -13.05 13.68 12.41
C LEU A 293 -13.01 13.97 13.90
N GLU A 294 -12.52 15.14 14.27
CA GLU A 294 -12.53 15.53 15.68
C GLU A 294 -13.95 15.86 16.11
N CYS A 295 -14.23 15.69 17.39
CA CYS A 295 -15.57 15.93 17.92
C CYS A 295 -16.03 17.36 17.68
N PRO A 296 -17.26 17.51 17.17
CA PRO A 296 -17.91 18.79 16.87
C PRO A 296 -18.13 19.61 18.14
N GLU A 297 -18.94 20.65 18.06
CA GLU A 297 -19.16 21.53 19.19
C GLU A 297 -20.24 21.02 20.15
N HIS A 298 -20.14 21.44 21.41
CA HIS A 298 -21.08 21.03 22.44
C HIS A 298 -21.19 19.51 22.54
N THR A 299 -20.05 18.84 22.66
CA THR A 299 -20.02 17.38 22.75
C THR A 299 -19.06 16.90 23.82
N LEU A 300 -19.23 15.66 24.27
CA LEU A 300 -18.41 15.09 25.33
C LEU A 300 -17.23 14.30 24.76
N PRO A 301 -16.02 14.59 25.27
CA PRO A 301 -14.80 13.91 24.83
C PRO A 301 -15.00 12.42 24.63
N SER A 302 -14.58 11.92 23.48
CA SER A 302 -14.84 10.54 23.10
C SER A 302 -13.71 9.60 23.51
N PRO A 303 -14.04 8.32 23.75
CA PRO A 303 -13.07 7.26 24.01
C PRO A 303 -12.57 6.73 22.68
N GLU A 304 -11.56 5.87 22.71
CA GLU A 304 -11.00 5.28 21.50
C GLU A 304 -12.06 4.52 20.70
N GLY A 305 -11.91 4.55 19.38
CA GLY A 305 -12.80 3.82 18.48
C GLY A 305 -14.25 4.23 18.60
N ALA A 306 -14.50 5.54 18.60
CA ALA A 306 -15.85 6.06 18.68
C ALA A 306 -16.44 6.30 17.30
N THR A 307 -17.71 5.91 17.12
CA THR A 307 -18.41 6.13 15.87
C THR A 307 -19.15 7.47 15.92
N SER A 308 -19.22 8.05 17.11
CA SER A 308 -19.89 9.33 17.30
C SER A 308 -19.71 9.83 18.73
N CYS A 309 -19.62 11.15 18.88
CA CYS A 309 -19.41 11.75 20.19
C CYS A 309 -20.74 12.03 20.90
N GLU A 310 -20.79 11.73 22.20
CA GLU A 310 -22.00 11.92 22.98
C GLU A 310 -22.28 13.40 23.24
N CYS A 311 -23.55 13.74 23.44
CA CYS A 311 -23.96 15.15 23.57
C CYS A 311 -23.67 15.73 24.97
N GLU A 312 -23.31 16.99 24.98
CA GLU A 312 -23.13 17.77 26.20
C GLU A 312 -24.47 17.98 26.89
N GLU A 313 -24.44 18.15 28.21
CA GLU A 313 -25.68 18.26 28.98
C GLU A 313 -26.59 19.38 28.47
N GLY A 314 -27.84 19.02 28.19
CA GLY A 314 -28.85 19.96 27.80
C GLY A 314 -29.01 20.12 26.29
N PHE A 315 -28.15 19.44 25.54
CA PHE A 315 -28.22 19.50 24.09
C PHE A 315 -28.42 18.14 23.41
N PHE A 316 -28.78 18.16 22.13
CA PHE A 316 -29.20 16.94 21.44
C PHE A 316 -28.76 16.88 19.98
N ARG A 317 -29.11 15.79 19.32
CA ARG A 317 -28.89 15.64 17.90
C ARG A 317 -30.06 14.88 17.26
N ALA A 318 -30.39 15.23 16.03
CA ALA A 318 -31.45 14.53 15.29
C ALA A 318 -30.89 13.29 14.59
N PRO A 319 -31.74 12.29 14.36
CA PRO A 319 -31.36 11.04 13.68
C PRO A 319 -30.90 11.23 12.24
N GLN A 320 -30.77 12.48 11.81
CA GLN A 320 -30.27 12.78 10.47
C GLN A 320 -29.02 13.65 10.53
N ASP A 321 -28.73 14.19 11.71
CA ASP A 321 -27.56 15.03 11.90
C ASP A 321 -26.28 14.21 11.80
N PRO A 322 -25.32 14.71 11.01
CA PRO A 322 -24.00 14.07 10.95
C PRO A 322 -23.28 14.35 12.25
N ALA A 323 -22.42 13.43 12.67
CA ALA A 323 -21.74 13.56 13.93
C ALA A 323 -20.73 14.71 13.90
N SER A 324 -20.64 15.39 12.76
CA SER A 324 -19.78 16.55 12.64
C SER A 324 -20.54 17.80 13.04
N MET A 325 -21.85 17.66 13.15
CA MET A 325 -22.72 18.75 13.55
C MET A 325 -22.79 18.86 15.07
N PRO A 326 -22.57 20.08 15.59
CA PRO A 326 -22.61 20.39 17.02
C PRO A 326 -23.97 20.05 17.63
N CYS A 327 -24.00 19.77 18.93
CA CYS A 327 -25.25 19.49 19.61
C CYS A 327 -26.14 20.73 19.63
N THR A 328 -27.43 20.55 19.40
CA THR A 328 -28.36 21.66 19.34
C THR A 328 -29.50 21.50 20.34
N ARG A 329 -30.43 22.45 20.33
CA ARG A 329 -31.56 22.43 21.25
C ARG A 329 -32.74 23.18 20.66
N PRO A 330 -33.95 22.92 21.19
CA PRO A 330 -35.15 23.63 20.74
C PRO A 330 -34.95 25.14 20.78
N PRO A 331 -35.63 25.88 19.90
CA PRO A 331 -35.45 27.34 19.82
C PRO A 331 -36.28 28.06 20.87
N SER A 332 -36.03 29.36 21.03
CA SER A 332 -36.87 30.19 21.88
C SER A 332 -38.17 30.48 21.14
N ALA A 333 -39.05 31.26 21.77
CA ALA A 333 -40.31 31.63 21.14
C ALA A 333 -40.08 32.63 20.02
N PRO A 334 -41.03 32.71 19.08
CA PRO A 334 -40.98 33.77 18.06
C PRO A 334 -40.82 35.12 18.73
N HIS A 335 -39.70 35.81 18.47
CA HIS A 335 -39.37 37.02 19.21
C HIS A 335 -40.53 37.99 19.31
N TYR A 336 -41.17 38.28 18.18
CA TYR A 336 -42.33 39.16 18.18
C TYR A 336 -43.52 38.52 17.47
N LEU A 337 -44.72 38.87 17.93
CA LEU A 337 -45.96 38.39 17.32
C LEU A 337 -47.03 39.47 17.39
N THR A 338 -47.60 39.79 16.23
CA THR A 338 -48.64 40.80 16.15
C THR A 338 -49.94 40.16 15.67
N ALA A 339 -51.03 40.46 16.38
CA ALA A 339 -52.34 39.96 16.00
C ALA A 339 -53.29 41.12 15.75
N VAL A 340 -53.52 41.42 14.47
CA VAL A 340 -54.32 42.58 14.09
C VAL A 340 -55.60 42.17 13.39
N GLY A 341 -56.72 42.77 13.80
CA GLY A 341 -58.01 42.44 13.23
C GLY A 341 -58.44 43.39 12.12
N MET A 342 -57.65 43.44 11.05
CA MET A 342 -57.96 44.28 9.91
C MET A 342 -59.23 43.79 9.21
N GLY A 343 -60.34 44.44 9.50
CA GLY A 343 -61.62 44.06 8.91
C GLY A 343 -62.31 42.97 9.70
N ALA A 344 -62.66 41.88 9.02
CA ALA A 344 -63.30 40.74 9.65
C ALA A 344 -62.31 39.63 9.91
N LYS A 345 -61.25 39.59 9.12
CA LYS A 345 -60.18 38.61 9.32
C LYS A 345 -59.14 39.19 10.28
N VAL A 346 -58.35 38.30 10.87
CA VAL A 346 -57.25 38.71 11.74
C VAL A 346 -55.92 38.30 11.13
N GLU A 347 -54.95 39.20 11.13
CA GLU A 347 -53.66 38.93 10.52
C GLU A 347 -52.59 38.65 11.58
N LEU A 348 -51.99 37.47 11.51
CA LEU A 348 -50.93 37.09 12.44
C LEU A 348 -49.55 37.23 11.80
N ARG A 349 -48.76 38.17 12.32
N ARG A 349 -48.76 38.17 12.32
CA ARG A 349 -47.41 38.40 11.80
CA ARG A 349 -47.41 38.38 11.82
C ARG A 349 -46.38 38.26 12.92
C ARG A 349 -46.41 38.22 12.96
N TRP A 350 -45.43 37.35 12.75
CA TRP A 350 -44.43 37.09 13.79
C TRP A 350 -43.00 37.09 13.24
N THR A 351 -42.05 36.79 14.12
CA THR A 351 -40.63 36.81 13.77
C THR A 351 -39.90 35.59 14.32
N PRO A 352 -38.83 35.14 13.63
CA PRO A 352 -37.98 34.03 14.06
C PRO A 352 -37.49 34.21 15.49
N PRO A 353 -37.29 33.11 16.22
CA PRO A 353 -36.83 33.16 17.62
C PRO A 353 -35.49 33.88 17.76
N GLN A 354 -35.28 34.54 18.89
CA GLN A 354 -33.99 35.14 19.19
C GLN A 354 -32.92 34.04 19.19
N ASP A 355 -33.29 32.89 19.74
CA ASP A 355 -32.38 31.75 19.83
C ASP A 355 -32.94 30.59 19.01
N SER A 356 -32.20 30.18 17.98
CA SER A 356 -32.65 29.11 17.10
C SER A 356 -32.25 27.74 17.64
N GLY A 357 -31.43 27.74 18.68
CA GLY A 357 -30.89 26.52 19.23
C GLY A 357 -29.83 25.94 18.30
N GLY A 358 -29.34 26.79 17.41
CA GLY A 358 -28.30 26.39 16.47
C GLY A 358 -28.81 25.52 15.33
N ARG A 359 -30.07 25.72 14.94
CA ARG A 359 -30.66 24.94 13.86
C ARG A 359 -31.26 25.83 12.77
N GLU A 360 -31.51 25.23 11.61
CA GLU A 360 -32.01 25.98 10.45
C GLU A 360 -33.31 25.38 9.93
N ASP A 361 -33.81 24.36 10.63
CA ASP A 361 -35.06 23.71 10.24
C ASP A 361 -36.20 24.09 11.17
N ILE A 362 -36.43 25.39 11.30
CA ILE A 362 -37.46 25.90 12.20
C ILE A 362 -38.83 25.99 11.53
N VAL A 363 -39.84 25.42 12.19
CA VAL A 363 -41.21 25.48 11.69
C VAL A 363 -42.12 26.08 12.75
N TYR A 364 -43.28 26.58 12.32
CA TYR A 364 -44.23 27.19 13.23
C TYR A 364 -45.59 26.50 13.17
N SER A 365 -46.33 26.53 14.27
CA SER A 365 -47.66 25.97 14.34
C SER A 365 -48.56 26.86 15.19
N VAL A 366 -49.78 27.10 14.71
CA VAL A 366 -50.68 28.03 15.38
C VAL A 366 -51.92 27.34 15.95
N THR A 367 -52.28 27.72 17.17
CA THR A 367 -53.49 27.21 17.82
C THR A 367 -54.34 28.36 18.34
N CYS A 368 -55.58 28.07 18.73
CA CYS A 368 -56.53 29.12 19.07
C CYS A 368 -57.45 28.80 20.24
N GLU A 369 -57.74 29.81 21.06
CA GLU A 369 -58.69 29.69 22.16
C GLU A 369 -59.76 30.76 22.02
N GLN A 370 -60.98 30.42 22.43
CA GLN A 370 -62.09 31.36 22.39
C GLN A 370 -62.49 31.78 23.80
N CYS A 371 -62.89 33.04 23.95
CA CYS A 371 -63.35 33.54 25.25
C CYS A 371 -64.38 34.63 25.09
N TRP A 372 -65.55 34.41 25.68
CA TRP A 372 -66.65 35.36 25.59
C TRP A 372 -66.61 36.32 26.78
N PRO A 373 -66.26 37.59 26.53
CA PRO A 373 -66.20 38.60 27.58
C PRO A 373 -67.60 38.94 28.11
N SER A 375 -69.56 36.88 29.58
CA SER A 375 -69.77 35.46 29.83
C SER A 375 -68.67 34.88 30.72
N GLY A 376 -67.43 34.99 30.25
CA GLY A 376 -66.29 34.52 31.01
C GLY A 376 -65.80 33.14 30.58
N GLU A 377 -66.73 32.33 30.08
CA GLU A 377 -66.41 30.96 29.67
C GLU A 377 -65.41 30.93 28.52
N CYS A 378 -64.59 29.88 28.48
CA CYS A 378 -63.58 29.73 27.44
C CYS A 378 -63.52 28.30 26.92
N GLY A 379 -62.94 28.12 25.74
CA GLY A 379 -62.81 26.82 25.13
C GLY A 379 -61.98 26.88 23.86
N PRO A 380 -61.66 25.72 23.28
CA PRO A 380 -60.85 25.67 22.06
C PRO A 380 -61.56 26.32 20.88
N CYS A 381 -60.79 26.65 19.84
CA CYS A 381 -61.32 27.33 18.68
C CYS A 381 -62.26 26.42 17.90
N GLU A 382 -63.32 26.99 17.32
CA GLU A 382 -64.29 26.21 16.55
C GLU A 382 -63.69 25.71 15.24
N ALA A 383 -64.32 24.69 14.67
CA ALA A 383 -63.86 24.11 13.41
C ALA A 383 -64.23 24.99 12.23
N SER A 384 -64.91 26.10 12.52
CA SER A 384 -65.34 27.01 11.46
C SER A 384 -64.26 28.04 11.12
N VAL A 385 -63.24 28.12 11.95
CA VAL A 385 -62.13 29.03 11.71
C VAL A 385 -61.15 28.44 10.70
N ARG A 386 -60.84 29.21 9.67
CA ARG A 386 -59.93 28.74 8.62
C ARG A 386 -58.61 29.50 8.65
N TYR A 387 -57.57 28.89 8.09
CA TYR A 387 -56.28 29.54 7.96
C TYR A 387 -55.87 29.65 6.49
N SER A 388 -55.20 30.74 6.15
CA SER A 388 -54.72 30.96 4.79
C SER A 388 -53.62 29.96 4.45
N GLU A 389 -53.33 29.07 5.39
CA GLU A 389 -52.27 28.09 5.22
C GLU A 389 -52.37 27.06 6.34
N PRO A 390 -52.26 25.77 6.01
CA PRO A 390 -52.32 24.73 7.04
C PRO A 390 -51.52 25.17 8.27
N PRO A 391 -52.22 25.35 9.40
CA PRO A 391 -51.69 25.99 10.62
C PRO A 391 -50.52 25.26 11.26
N HIS A 392 -50.07 24.16 10.66
CA HIS A 392 -48.91 23.44 11.17
C HIS A 392 -47.82 23.34 10.11
N GLY A 393 -46.59 23.10 10.54
CA GLY A 393 -45.47 22.98 9.63
C GLY A 393 -45.22 24.25 8.84
N LEU A 394 -45.47 25.39 9.48
CA LEU A 394 -45.25 26.69 8.84
C LEU A 394 -43.78 27.06 8.74
N THR A 395 -43.38 27.51 7.55
CA THR A 395 -42.06 28.09 7.37
C THR A 395 -42.21 29.60 7.21
N ARG A 396 -43.38 30.02 6.71
CA ARG A 396 -43.70 31.44 6.65
C ARG A 396 -43.81 31.99 8.07
N THR A 397 -43.72 33.31 8.18
CA THR A 397 -43.82 33.98 9.47
C THR A 397 -45.10 34.80 9.55
N SER A 398 -46.18 34.28 9.00
CA SER A 398 -47.46 34.97 9.02
C SER A 398 -48.59 34.14 8.41
N VAL A 399 -49.80 34.32 8.94
CA VAL A 399 -50.98 33.63 8.43
C VAL A 399 -52.24 34.47 8.65
N THR A 400 -53.22 34.29 7.77
CA THR A 400 -54.50 34.99 7.88
C THR A 400 -55.56 34.08 8.46
N VAL A 401 -56.26 34.54 9.49
CA VAL A 401 -57.33 33.76 10.09
C VAL A 401 -58.68 34.41 9.78
N SER A 402 -59.60 33.62 9.25
CA SER A 402 -60.90 34.13 8.82
C SER A 402 -62.07 33.38 9.45
N ASP A 403 -63.27 33.85 9.16
CA ASP A 403 -64.49 33.24 9.70
C ASP A 403 -64.46 33.25 11.22
N LEU A 404 -64.57 34.44 11.80
CA LEU A 404 -64.53 34.59 13.25
C LEU A 404 -65.83 35.21 13.75
N GLU A 405 -66.29 34.74 14.91
CA GLU A 405 -67.48 35.30 15.54
C GLU A 405 -67.15 36.64 16.20
N PRO A 406 -67.96 37.66 15.93
CA PRO A 406 -67.78 39.03 16.42
C PRO A 406 -67.74 39.13 17.94
N HIS A 407 -66.99 40.11 18.43
CA HIS A 407 -66.89 40.40 19.86
C HIS A 407 -66.15 39.35 20.67
N MET A 408 -66.07 38.13 20.14
CA MET A 408 -65.36 37.05 20.83
C MET A 408 -63.88 37.36 20.99
N ASN A 409 -63.34 37.07 22.17
CA ASN A 409 -61.93 37.26 22.44
C ASN A 409 -61.09 36.05 22.04
N TYR A 410 -60.44 36.16 20.89
CA TYR A 410 -59.61 35.07 20.38
C TYR A 410 -58.15 35.23 20.81
N THR A 411 -57.61 34.18 21.42
CA THR A 411 -56.19 34.16 21.80
C THR A 411 -55.44 33.16 20.93
N PHE A 412 -54.50 33.67 20.13
CA PHE A 412 -53.70 32.81 19.26
C PHE A 412 -52.31 32.56 19.83
N THR A 413 -51.90 31.30 19.85
CA THR A 413 -50.56 30.93 20.30
C THR A 413 -49.77 30.38 19.12
N VAL A 414 -48.64 31.02 18.82
CA VAL A 414 -47.76 30.54 17.75
C VAL A 414 -46.50 29.93 18.34
N GLU A 415 -46.26 28.66 18.03
CA GLU A 415 -45.14 27.93 18.60
C GLU A 415 -44.01 27.74 17.61
N ALA A 416 -42.78 27.77 18.11
CA ALA A 416 -41.60 27.54 17.28
C ALA A 416 -40.93 26.21 17.62
N ARG A 417 -40.67 25.41 16.58
CA ARG A 417 -40.07 24.09 16.78
C ARG A 417 -39.02 23.80 15.72
N ASN A 418 -37.90 23.23 16.14
CA ASN A 418 -36.88 22.77 15.21
C ASN A 418 -36.69 21.26 15.25
N GLY A 419 -35.65 20.76 14.61
CA GLY A 419 -35.46 19.32 14.46
C GLY A 419 -35.40 18.51 15.74
N VAL A 420 -34.96 19.14 16.82
CA VAL A 420 -34.75 18.43 18.08
C VAL A 420 -35.86 18.69 19.10
N SER A 421 -36.96 19.28 18.65
CA SER A 421 -38.07 19.61 19.54
C SER A 421 -38.75 18.38 20.12
N GLY A 422 -38.85 17.32 19.32
CA GLY A 422 -39.50 16.11 19.75
C GLY A 422 -38.76 15.37 20.85
N LEU A 423 -37.58 15.89 21.21
CA LEU A 423 -36.75 15.24 22.22
C LEU A 423 -36.81 15.96 23.56
N VAL A 424 -37.70 16.95 23.65
CA VAL A 424 -37.93 17.65 24.91
C VAL A 424 -39.43 17.92 25.08
N THR A 425 -39.86 18.04 26.33
CA THR A 425 -41.27 18.23 26.64
C THR A 425 -41.67 19.70 26.61
N SER A 426 -40.70 20.58 26.84
CA SER A 426 -40.98 22.02 26.93
C SER A 426 -41.52 22.59 25.62
N ARG A 427 -42.21 23.72 25.73
CA ARG A 427 -42.73 24.40 24.56
C ARG A 427 -42.23 25.85 24.52
N SER A 428 -42.00 26.37 23.31
CA SER A 428 -41.61 27.76 23.13
C SER A 428 -42.61 28.46 22.23
N PHE A 429 -43.44 29.33 22.82
CA PHE A 429 -44.52 29.97 22.07
C PHE A 429 -44.80 31.38 22.56
N ARG A 430 -45.60 32.11 21.78
CA ARG A 430 -45.98 33.47 22.14
C ARG A 430 -47.47 33.67 21.83
N THR A 431 -48.16 34.40 22.71
CA THR A 431 -49.60 34.58 22.57
C THR A 431 -50.00 36.01 22.19
N ALA A 432 -51.16 36.11 21.55
CA ALA A 432 -51.70 37.41 21.13
C ALA A 432 -53.22 37.32 20.96
N SER A 433 -53.94 38.28 21.52
CA SER A 433 -55.40 38.24 21.49
C SER A 433 -56.01 39.29 20.57
N VAL A 434 -57.08 38.91 19.87
CA VAL A 434 -57.83 39.84 19.02
C VAL A 434 -59.31 39.73 19.33
N GLU A 440 -63.06 50.52 18.35
CA GLU A 440 -64.14 51.38 17.88
C GLU A 440 -63.59 52.50 17.01
N PRO A 441 -64.04 52.59 15.75
CA PRO A 441 -63.63 53.68 14.86
C PRO A 441 -64.48 54.91 15.12
N PRO A 442 -64.03 56.07 14.62
CA PRO A 442 -64.82 57.31 14.73
C PRO A 442 -66.08 57.26 13.88
N LYS A 443 -67.22 57.57 14.49
CA LYS A 443 -68.46 57.69 13.72
C LYS A 443 -68.55 59.11 13.16
N VAL A 444 -68.41 59.24 11.85
CA VAL A 444 -68.26 60.54 11.22
C VAL A 444 -69.45 60.94 10.36
N ARG A 445 -69.86 62.21 10.49
CA ARG A 445 -70.98 62.75 9.73
C ARG A 445 -70.69 64.16 9.24
N LEU A 446 -71.44 64.60 8.22
CA LEU A 446 -71.34 65.97 7.73
C LEU A 446 -72.21 66.89 8.58
N GLU A 447 -71.61 67.95 9.11
CA GLU A 447 -72.35 68.94 9.89
C GLU A 447 -72.73 70.12 9.00
N GLY A 448 -72.27 70.10 7.76
CA GLY A 448 -72.56 71.17 6.82
C GLY A 448 -71.65 71.11 5.60
N ARG A 449 -71.97 71.91 4.59
CA ARG A 449 -71.18 71.92 3.36
C ARG A 449 -71.36 73.21 2.56
N SER A 450 -70.48 73.42 1.59
CA SER A 450 -70.50 74.60 0.74
C SER A 450 -69.64 74.34 -0.48
N THR A 451 -69.15 75.40 -1.10
CA THR A 451 -68.25 75.29 -2.24
C THR A 451 -68.02 76.65 -2.90
N SER A 453 -65.73 74.57 2.68
CA SER A 453 -66.41 73.53 1.91
C SER A 453 -67.06 72.49 2.81
N LEU A 454 -66.56 71.26 2.72
CA LEU A 454 -67.10 70.15 3.50
C LEU A 454 -66.76 70.28 4.98
N SER A 455 -67.80 70.48 5.79
CA SER A 455 -67.64 70.53 7.24
C SER A 455 -67.91 69.16 7.86
N VAL A 456 -66.89 68.61 8.53
CA VAL A 456 -66.99 67.25 9.05
C VAL A 456 -66.85 67.18 10.57
N SER A 457 -67.54 66.21 11.17
CA SER A 457 -67.46 65.95 12.60
C SER A 457 -67.49 64.44 12.85
N TRP A 458 -67.02 64.02 14.01
CA TRP A 458 -67.00 62.60 14.36
C TRP A 458 -67.09 62.39 15.87
N SER A 459 -67.11 61.14 16.29
CA SER A 459 -67.26 60.81 17.71
C SER A 459 -66.87 59.38 18.03
N ILE A 460 -66.38 59.17 19.25
CA ILE A 460 -66.09 57.84 19.76
C ILE A 460 -66.35 57.81 21.26
N PRO A 461 -66.88 56.69 21.76
CA PRO A 461 -67.23 56.54 23.18
C PRO A 461 -66.15 57.05 24.11
N PRO A 462 -66.53 57.88 25.09
CA PRO A 462 -65.63 58.53 26.05
C PRO A 462 -64.55 57.59 26.62
N PRO A 463 -64.91 56.34 26.94
CA PRO A 463 -63.90 55.41 27.46
C PRO A 463 -62.71 55.23 26.51
N GLN A 464 -62.95 55.31 25.21
CA GLN A 464 -61.89 55.17 24.22
C GLN A 464 -61.13 56.48 23.96
N GLN A 465 -61.73 57.61 24.36
CA GLN A 465 -61.16 58.91 24.05
C GLN A 465 -59.77 59.14 24.64
N SER A 466 -59.45 58.40 25.71
CA SER A 466 -58.14 58.52 26.35
C SER A 466 -57.05 57.87 25.51
N ARG A 467 -57.43 56.85 24.74
CA ARG A 467 -56.46 56.07 23.97
C ARG A 467 -55.93 56.84 22.76
N VAL A 468 -56.79 57.62 22.12
CA VAL A 468 -56.41 58.31 20.89
C VAL A 468 -55.42 59.44 21.14
N TRP A 469 -54.31 59.41 20.41
CA TRP A 469 -53.30 60.46 20.48
C TRP A 469 -53.70 61.61 19.56
N LYS A 470 -54.04 61.25 18.32
CA LYS A 470 -54.52 62.22 17.33
C LYS A 470 -55.39 61.52 16.31
N TYR A 471 -56.33 62.27 15.72
CA TYR A 471 -57.17 61.75 14.66
C TYR A 471 -56.60 62.17 13.31
N GLU A 472 -56.58 61.26 12.35
CA GLU A 472 -56.03 61.55 11.03
C GLU A 472 -57.11 61.56 9.95
N VAL A 473 -57.37 62.74 9.40
CA VAL A 473 -58.35 62.86 8.33
C VAL A 473 -57.69 62.79 6.96
N THR A 474 -58.15 61.86 6.13
CA THR A 474 -57.65 61.71 4.78
C THR A 474 -58.77 61.97 3.78
N TYR A 475 -58.52 62.82 2.80
CA TYR A 475 -59.50 63.06 1.74
C TYR A 475 -58.89 63.02 0.34
N ARG A 476 -59.44 62.13 -0.49
CA ARG A 476 -59.00 61.97 -1.87
C ARG A 476 -60.14 62.38 -2.79
N LYS A 477 -59.82 62.58 -4.07
CA LYS A 477 -60.85 62.89 -5.05
C LYS A 477 -61.27 61.64 -5.82
N LYS A 478 -62.57 61.42 -5.92
CA LYS A 478 -63.12 60.24 -6.57
C LYS A 478 -62.92 60.29 -8.08
N SER A 481 -56.57 58.83 -7.53
CA SER A 481 -55.95 57.57 -7.93
C SER A 481 -54.54 57.46 -7.36
N ASN A 482 -53.97 58.59 -6.97
CA ASN A 482 -52.65 58.62 -6.33
C ASN A 482 -52.30 60.00 -5.82
N SER A 483 -53.23 60.64 -5.13
CA SER A 483 -53.02 61.98 -4.58
C SER A 483 -54.16 62.43 -3.70
N TYR A 484 -53.95 62.36 -2.40
CA TYR A 484 -54.93 62.71 -1.39
C TYR A 484 -54.34 63.69 -0.39
N ASN A 485 -55.19 64.28 0.44
CA ASN A 485 -54.71 65.18 1.48
C ASN A 485 -55.10 64.75 2.90
N VAL A 486 -54.16 64.87 3.82
CA VAL A 486 -54.37 64.42 5.19
C VAL A 486 -54.03 65.50 6.20
N ARG A 487 -54.96 65.75 7.13
CA ARG A 487 -54.73 66.68 8.21
C ARG A 487 -54.87 65.93 9.55
N ARG A 488 -54.52 66.60 10.63
CA ARG A 488 -54.60 66.00 11.96
C ARG A 488 -55.12 66.98 13.01
N THR A 489 -55.90 66.45 13.95
CA THR A 489 -56.45 67.24 15.04
C THR A 489 -56.69 66.35 16.25
N GLU A 490 -56.67 66.95 17.44
CA GLU A 490 -57.02 66.22 18.65
C GLU A 490 -58.51 66.37 18.92
N GLY A 491 -59.15 67.29 18.20
CA GLY A 491 -60.57 67.55 18.36
C GLY A 491 -61.44 66.56 17.62
N PHE A 492 -62.71 66.89 17.49
CA PHE A 492 -63.67 65.99 16.84
C PHE A 492 -64.38 66.65 15.66
N SER A 493 -63.74 67.62 15.03
CA SER A 493 -64.33 68.29 13.88
C SER A 493 -63.33 69.10 13.08
N VAL A 494 -63.42 68.99 11.75
CA VAL A 494 -62.56 69.75 10.85
C VAL A 494 -63.35 70.20 9.64
N THR A 495 -62.90 71.30 9.03
CA THR A 495 -63.53 71.80 7.81
C THR A 495 -62.55 71.70 6.65
N LEU A 496 -62.81 70.80 5.71
CA LEU A 496 -61.96 70.67 4.54
C LEU A 496 -62.12 71.90 3.65
N ASP A 497 -61.01 72.56 3.35
CA ASP A 497 -61.04 73.82 2.62
C ASP A 497 -60.55 73.68 1.18
N ASP A 498 -60.78 74.74 0.40
CA ASP A 498 -60.25 74.84 -0.95
C ASP A 498 -60.63 73.65 -1.82
N LEU A 499 -61.91 73.33 -1.86
CA LEU A 499 -62.38 72.18 -2.62
C LEU A 499 -63.11 72.59 -3.89
N ALA A 500 -63.27 71.63 -4.80
CA ALA A 500 -63.96 71.88 -6.06
C ALA A 500 -65.47 71.73 -5.88
N PRO A 501 -66.24 72.47 -6.69
CA PRO A 501 -67.71 72.44 -6.61
C PRO A 501 -68.30 71.17 -7.20
N ASP A 502 -69.41 70.70 -6.63
CA ASP A 502 -70.07 69.49 -7.10
C ASP A 502 -69.06 68.37 -7.34
N THR A 503 -68.43 67.92 -6.27
CA THR A 503 -67.38 66.92 -6.37
C THR A 503 -67.49 65.84 -5.29
N THR A 504 -67.24 64.58 -5.67
CA THR A 504 -67.27 63.48 -4.73
C THR A 504 -65.90 63.26 -4.09
N TYR A 505 -65.85 63.30 -2.76
CA TYR A 505 -64.60 63.09 -2.04
C TYR A 505 -64.65 61.83 -1.19
N LEU A 506 -63.51 61.15 -1.10
CA LEU A 506 -63.40 59.97 -0.24
C LEU A 506 -62.78 60.38 1.09
N VAL A 507 -63.60 60.39 2.14
CA VAL A 507 -63.13 60.83 3.46
C VAL A 507 -63.06 59.69 4.45
N GLN A 508 -61.92 59.57 5.12
CA GLN A 508 -61.74 58.57 6.16
C GLN A 508 -61.06 59.19 7.38
N VAL A 509 -61.51 58.78 8.56
CA VAL A 509 -60.98 59.33 9.80
C VAL A 509 -60.43 58.20 10.69
N GLN A 510 -59.12 58.16 10.83
CA GLN A 510 -58.47 57.11 11.61
C GLN A 510 -58.10 57.60 13.00
N ALA A 511 -58.32 56.75 13.99
CA ALA A 511 -57.95 57.06 15.37
C ALA A 511 -56.54 56.54 15.64
N LEU A 512 -55.61 57.46 15.83
CA LEU A 512 -54.21 57.08 16.03
C LEU A 512 -53.85 56.89 17.50
N THR A 513 -52.94 55.96 17.75
CA THR A 513 -52.46 55.70 19.10
C THR A 513 -50.94 55.54 19.10
N GLN A 514 -50.35 55.63 20.28
CA GLN A 514 -48.91 55.51 20.43
C GLN A 514 -48.46 54.05 20.49
N GLY A 518 -54.05 52.97 14.39
CA GLY A 518 -55.02 52.36 15.28
C GLY A 518 -56.22 51.83 14.52
N ALA A 519 -57.40 52.40 14.81
CA ALA A 519 -58.63 51.98 14.14
C ALA A 519 -59.19 53.11 13.28
N GLY A 520 -59.41 52.81 12.00
CA GLY A 520 -59.93 53.80 11.07
C GLY A 520 -61.37 53.54 10.67
N SER A 521 -62.10 54.61 10.38
CA SER A 521 -63.51 54.50 9.99
C SER A 521 -63.66 54.00 8.57
N LYS A 522 -64.90 53.85 8.13
CA LYS A 522 -65.20 53.46 6.76
C LYS A 522 -65.07 54.67 5.84
N VAL A 523 -64.92 54.43 4.54
CA VAL A 523 -64.81 55.51 3.57
C VAL A 523 -66.17 56.15 3.29
N HIS A 524 -66.24 57.46 3.46
CA HIS A 524 -67.47 58.21 3.21
C HIS A 524 -67.35 59.03 1.93
N GLU A 525 -68.46 59.19 1.22
CA GLU A 525 -68.48 60.03 0.02
C GLU A 525 -69.31 61.28 0.25
N PHE A 526 -68.63 62.41 0.40
CA PHE A 526 -69.31 63.68 0.63
C PHE A 526 -69.20 64.58 -0.59
N GLN A 527 -70.33 65.18 -0.98
CA GLN A 527 -70.39 66.02 -2.17
C GLN A 527 -70.53 67.50 -1.82
N THR A 528 -69.82 68.35 -2.57
CA THR A 528 -69.88 69.79 -2.34
C THR A 528 -71.08 70.42 -3.02
N LEU A 529 -71.32 71.69 -2.74
CA LEU A 529 -72.45 72.41 -3.32
C LEU A 529 -72.27 72.69 -4.80
N SER A 530 -73.25 73.38 -5.39
CA SER A 530 -73.21 73.73 -6.80
C SER A 530 -73.71 75.16 -7.01
N VAL B 30 54.02 -44.37 -7.07
CA VAL B 30 52.74 -44.85 -6.59
C VAL B 30 51.92 -45.49 -7.72
N ALA B 31 51.12 -44.67 -8.39
CA ALA B 31 50.27 -45.15 -9.48
C ALA B 31 49.87 -44.02 -10.42
N ASP B 32 48.76 -43.36 -10.10
CA ASP B 32 48.29 -42.23 -10.90
C ASP B 32 47.92 -41.06 -10.00
N ARG B 33 47.55 -41.36 -8.76
CA ARG B 33 47.27 -40.33 -7.76
C ARG B 33 48.27 -40.42 -6.61
N TYR B 34 48.80 -39.27 -6.21
CA TYR B 34 49.80 -39.21 -5.15
C TYR B 34 49.28 -38.45 -3.94
N ALA B 35 49.04 -39.19 -2.86
CA ALA B 35 48.53 -38.59 -1.63
C ALA B 35 49.66 -37.96 -0.82
N VAL B 36 49.48 -36.70 -0.44
CA VAL B 36 50.45 -35.98 0.36
C VAL B 36 49.82 -35.40 1.63
N TYR B 37 50.19 -35.95 2.77
CA TYR B 37 49.67 -35.47 4.05
C TYR B 37 50.50 -34.31 4.59
N TRP B 38 49.96 -33.10 4.43
CA TRP B 38 50.71 -31.87 4.70
C TRP B 38 50.69 -31.45 6.15
N ASN B 39 51.46 -32.15 6.99
CA ASN B 39 51.63 -31.77 8.39
C ASN B 39 53.06 -32.02 8.87
N SER B 40 53.48 -31.30 9.90
CA SER B 40 54.86 -31.36 10.37
C SER B 40 55.23 -32.69 11.01
N SER B 41 54.24 -33.54 11.26
CA SER B 41 54.50 -34.84 11.87
C SER B 41 54.88 -35.87 10.82
N ASN B 42 54.59 -35.57 9.56
CA ASN B 42 54.92 -36.44 8.45
C ASN B 42 56.42 -36.52 8.23
N PRO B 43 57.00 -37.72 8.34
CA PRO B 43 58.43 -37.97 8.21
C PRO B 43 58.94 -37.47 6.88
N ARG B 44 58.10 -37.62 5.86
CA ARG B 44 58.42 -37.20 4.50
C ARG B 44 58.81 -35.73 4.44
N PHE B 45 58.09 -34.90 5.21
CA PHE B 45 58.36 -33.46 5.25
C PHE B 45 59.50 -33.12 6.21
N GLN B 46 59.68 -33.95 7.23
CA GLN B 46 60.75 -33.77 8.21
C GLN B 46 62.13 -34.09 7.64
N ARG B 47 62.16 -34.67 6.45
CA ARG B 47 63.42 -34.95 5.77
C ARG B 47 63.78 -33.77 4.85
N GLY B 48 62.80 -32.89 4.64
CA GLY B 48 63.04 -31.63 3.96
C GLY B 48 63.21 -31.72 2.46
N ASP B 49 63.27 -32.94 1.94
CA ASP B 49 63.45 -33.12 0.50
C ASP B 49 62.30 -33.87 -0.15
N TYR B 50 61.10 -33.71 0.43
CA TYR B 50 59.91 -34.36 -0.10
C TYR B 50 59.70 -34.00 -1.58
N HIS B 51 59.65 -35.02 -2.43
CA HIS B 51 59.39 -34.81 -3.86
C HIS B 51 58.72 -36.03 -4.48
N ILE B 52 57.96 -35.80 -5.54
CA ILE B 52 57.28 -36.89 -6.24
C ILE B 52 57.52 -36.85 -7.74
N ASP B 53 57.75 -38.02 -8.34
CA ASP B 53 57.94 -38.13 -9.78
C ASP B 53 56.64 -38.55 -10.43
N VAL B 54 56.06 -37.66 -11.24
CA VAL B 54 54.76 -37.90 -11.85
C VAL B 54 54.81 -37.81 -13.37
N CYS B 55 53.75 -38.29 -14.01
CA CYS B 55 53.59 -38.14 -15.46
C CYS B 55 52.37 -37.27 -15.75
N ILE B 56 52.32 -36.69 -16.94
CA ILE B 56 51.18 -35.87 -17.32
C ILE B 56 49.87 -36.59 -17.05
N ASN B 57 48.90 -35.85 -16.51
CA ASN B 57 47.57 -36.39 -16.20
C ASN B 57 47.49 -37.13 -14.86
N ASP B 58 48.63 -37.27 -14.20
CA ASP B 58 48.66 -37.78 -12.83
C ASP B 58 48.06 -36.74 -11.90
N TYR B 59 47.74 -37.15 -10.67
CA TYR B 59 47.10 -36.25 -9.72
C TYR B 59 47.92 -36.06 -8.45
N LEU B 60 47.78 -34.90 -7.84
CA LEU B 60 48.38 -34.62 -6.54
C LEU B 60 47.28 -34.32 -5.53
N ASP B 61 47.14 -35.19 -4.53
CA ASP B 61 46.12 -35.02 -3.51
C ASP B 61 46.70 -34.55 -2.19
N VAL B 62 46.54 -33.27 -1.90
CA VAL B 62 47.04 -32.70 -0.66
C VAL B 62 46.02 -32.85 0.46
N PHE B 63 46.40 -33.56 1.52
CA PHE B 63 45.52 -33.76 2.67
C PHE B 63 45.90 -32.85 3.82
N CYS B 64 45.07 -31.84 4.06
CA CYS B 64 45.32 -30.90 5.14
C CYS B 64 45.30 -31.60 6.50
N PRO B 65 46.03 -31.05 7.48
CA PRO B 65 46.06 -31.56 8.85
C PRO B 65 44.65 -31.65 9.44
N HIS B 66 44.28 -32.82 9.93
CA HIS B 66 42.95 -33.03 10.47
C HIS B 66 42.98 -33.51 11.91
N TYR B 67 42.27 -32.82 12.79
CA TYR B 67 42.23 -33.16 14.20
C TYR B 67 40.80 -33.39 14.66
N GLU B 68 40.62 -34.32 15.59
CA GLU B 68 39.31 -34.57 16.17
C GLU B 68 38.87 -33.35 16.97
N ASP B 69 37.60 -33.33 17.38
CA ASP B 69 37.03 -32.18 18.07
C ASP B 69 37.62 -31.98 19.46
N SER B 70 38.37 -32.96 19.95
CA SER B 70 38.95 -32.88 21.28
C SER B 70 40.36 -32.30 21.27
N VAL B 71 40.52 -31.16 20.59
CA VAL B 71 41.80 -30.47 20.53
C VAL B 71 41.58 -28.96 20.60
N PRO B 72 42.26 -28.29 21.56
CA PRO B 72 42.12 -26.86 21.84
C PRO B 72 42.49 -25.94 20.68
N GLU B 73 42.70 -26.51 19.50
CA GLU B 73 43.03 -25.74 18.30
C GLU B 73 44.28 -24.88 18.48
N ASP B 74 45.17 -25.29 19.37
CA ASP B 74 46.43 -24.60 19.55
C ASP B 74 47.57 -25.43 18.96
N LYS B 75 47.48 -26.74 19.13
CA LYS B 75 48.41 -27.66 18.50
C LYS B 75 47.91 -27.99 17.10
N THR B 76 46.75 -27.43 16.76
CA THR B 76 46.17 -27.59 15.43
C THR B 76 46.98 -26.82 14.40
N GLU B 77 47.36 -27.51 13.33
CA GLU B 77 48.16 -26.90 12.27
C GLU B 77 47.28 -26.36 11.14
N ARG B 78 47.59 -25.15 10.69
CA ARG B 78 46.89 -24.53 9.58
C ARG B 78 47.91 -23.91 8.63
N TYR B 79 47.67 -24.05 7.33
CA TYR B 79 48.63 -23.59 6.33
C TYR B 79 48.00 -22.87 5.16
N VAL B 80 48.77 -22.00 4.53
CA VAL B 80 48.44 -21.47 3.23
C VAL B 80 49.46 -22.03 2.24
N LEU B 81 48.98 -22.73 1.21
CA LEU B 81 49.87 -23.36 0.24
C LEU B 81 50.08 -22.48 -0.98
N TYR B 82 51.34 -22.37 -1.40
CA TYR B 82 51.68 -21.55 -2.55
C TYR B 82 52.43 -22.35 -3.62
N MET B 83 52.14 -22.08 -4.88
CA MET B 83 52.94 -22.62 -5.97
C MET B 83 54.03 -21.62 -6.33
N VAL B 84 55.29 -22.01 -6.15
CA VAL B 84 56.41 -21.09 -6.36
C VAL B 84 57.51 -21.66 -7.23
N ASN B 85 58.51 -20.84 -7.49
CA ASN B 85 59.67 -21.27 -8.24
C ASN B 85 60.69 -21.78 -7.26
N PHE B 86 61.90 -22.03 -7.75
CA PHE B 86 63.01 -22.41 -6.90
C PHE B 86 63.27 -21.34 -5.82
N ASP B 87 63.94 -20.24 -6.16
CA ASP B 87 64.26 -19.22 -5.16
C ASP B 87 63.17 -19.02 -4.11
N GLY B 88 61.91 -19.10 -4.50
CA GLY B 88 60.82 -19.06 -3.54
C GLY B 88 60.78 -20.36 -2.76
N TYR B 89 60.86 -21.47 -3.48
CA TYR B 89 60.95 -22.80 -2.91
C TYR B 89 62.17 -22.95 -1.98
N SER B 90 63.33 -22.47 -2.43
CA SER B 90 64.57 -22.61 -1.66
C SER B 90 64.59 -21.72 -0.44
N ALA B 91 63.93 -20.56 -0.53
CA ALA B 91 63.96 -19.59 0.56
C ALA B 91 62.68 -19.59 1.38
N CYS B 92 61.75 -20.47 1.03
CA CYS B 92 60.44 -20.50 1.67
C CYS B 92 59.77 -19.15 1.61
N ASP B 93 59.78 -18.55 0.41
CA ASP B 93 59.21 -17.22 0.20
C ASP B 93 58.40 -17.16 -1.08
N HIS B 94 57.11 -16.88 -0.95
CA HIS B 94 56.22 -16.81 -2.11
C HIS B 94 56.20 -15.42 -2.73
N THR B 95 56.63 -14.43 -1.95
CA THR B 95 56.61 -13.04 -2.40
C THR B 95 57.21 -12.85 -3.78
N SER B 96 56.39 -12.38 -4.72
CA SER B 96 56.83 -12.07 -6.08
C SER B 96 57.32 -13.28 -6.86
N LYS B 97 57.15 -14.47 -6.29
CA LYS B 97 57.58 -15.69 -6.95
C LYS B 97 56.59 -16.84 -6.80
N GLY B 98 55.32 -16.51 -6.52
CA GLY B 98 54.33 -17.55 -6.32
C GLY B 98 52.89 -17.14 -6.37
N PHE B 99 52.02 -18.13 -6.51
CA PHE B 99 50.58 -17.94 -6.49
C PHE B 99 50.04 -18.62 -5.24
N LYS B 100 49.08 -17.99 -4.56
CA LYS B 100 48.40 -18.68 -3.48
C LYS B 100 47.56 -19.80 -4.08
N ARG B 101 47.77 -21.02 -3.62
CA ARG B 101 47.17 -22.19 -4.25
C ARG B 101 46.01 -22.77 -3.45
N TRP B 102 46.27 -23.12 -2.19
CA TRP B 102 45.26 -23.71 -1.34
C TRP B 102 45.33 -23.18 0.09
N GLU B 103 44.25 -23.37 0.84
CA GLU B 103 44.19 -22.93 2.23
C GLU B 103 43.67 -24.02 3.16
N CYS B 104 44.58 -24.60 3.95
CA CYS B 104 44.19 -25.56 4.98
C CYS B 104 43.68 -24.83 6.21
N ASN B 105 42.44 -24.37 6.14
CA ASN B 105 41.86 -23.55 7.20
C ASN B 105 40.68 -24.23 7.90
N ARG B 106 40.50 -25.52 7.64
CA ARG B 106 39.44 -26.30 8.28
C ARG B 106 39.98 -27.56 8.92
N PRO B 107 40.64 -27.42 10.08
CA PRO B 107 41.17 -28.55 10.84
C PRO B 107 40.06 -29.45 11.40
N HIS B 108 38.81 -29.07 11.17
CA HIS B 108 37.68 -29.84 11.67
C HIS B 108 36.61 -30.08 10.61
N SER B 109 37.04 -30.23 9.36
CA SER B 109 36.14 -30.57 8.27
C SER B 109 35.44 -31.90 8.56
N PRO B 110 34.24 -32.08 8.01
CA PRO B 110 33.42 -33.29 8.20
C PRO B 110 34.12 -34.55 7.70
N ASN B 111 33.89 -34.90 6.43
CA ASN B 111 34.48 -36.12 5.86
C ASN B 111 36.00 -36.10 5.87
N GLY B 112 36.58 -36.53 6.98
CA GLY B 112 38.02 -36.59 7.10
C GLY B 112 38.69 -35.27 6.79
N PRO B 113 40.00 -35.31 6.49
CA PRO B 113 40.79 -34.10 6.24
C PRO B 113 40.35 -33.35 4.99
N LEU B 114 40.44 -32.02 5.03
CA LEU B 114 40.18 -31.20 3.86
C LEU B 114 41.18 -31.59 2.79
N LYS B 115 40.71 -31.81 1.56
CA LYS B 115 41.59 -32.25 0.48
C LYS B 115 41.57 -31.33 -0.72
N PHE B 116 42.75 -31.01 -1.23
CA PHE B 116 42.89 -30.26 -2.48
C PHE B 116 43.61 -31.14 -3.51
N SER B 117 43.22 -31.01 -4.77
CA SER B 117 43.79 -31.84 -5.83
C SER B 117 44.34 -31.03 -6.99
N GLU B 118 45.47 -31.48 -7.53
CA GLU B 118 46.09 -30.84 -8.68
C GLU B 118 46.30 -31.87 -9.79
N LYS B 119 45.71 -31.61 -10.96
CA LYS B 119 45.92 -32.47 -12.11
C LYS B 119 47.01 -31.89 -13.00
N PHE B 120 48.06 -32.67 -13.23
CA PHE B 120 49.18 -32.22 -14.04
C PHE B 120 48.87 -32.34 -15.53
N GLN B 121 47.92 -31.51 -15.98
CA GLN B 121 47.44 -31.53 -17.35
C GLN B 121 48.30 -30.67 -18.27
N LEU B 122 48.23 -30.95 -19.56
CA LEU B 122 48.93 -30.14 -20.56
C LEU B 122 48.19 -28.84 -20.84
N PHE B 123 46.88 -28.92 -21.02
CA PHE B 123 46.09 -27.75 -21.39
C PHE B 123 44.86 -27.56 -20.50
N THR B 124 44.64 -26.33 -20.03
CA THR B 124 43.55 -26.05 -19.12
C THR B 124 42.26 -25.67 -19.82
N PRO B 125 41.15 -26.21 -19.33
CA PRO B 125 39.81 -25.99 -19.88
C PRO B 125 39.35 -24.58 -19.53
N PHE B 126 39.94 -24.04 -18.47
CA PHE B 126 39.53 -22.78 -17.90
C PHE B 126 40.55 -21.68 -18.17
N SER B 127 40.06 -20.46 -18.38
CA SER B 127 40.93 -19.31 -18.50
C SER B 127 41.98 -19.34 -17.39
N LEU B 128 43.24 -19.37 -17.78
CA LEU B 128 44.31 -19.22 -16.80
C LEU B 128 44.49 -20.35 -15.80
N GLY B 129 43.92 -21.52 -16.08
CA GLY B 129 44.21 -22.68 -15.27
C GLY B 129 45.70 -22.95 -15.28
N PHE B 130 46.12 -23.97 -14.55
CA PHE B 130 47.54 -24.30 -14.45
C PHE B 130 47.91 -25.40 -15.43
N GLU B 131 48.88 -25.13 -16.29
CA GLU B 131 49.34 -26.12 -17.26
C GLU B 131 50.72 -26.63 -16.86
N PHE B 132 51.00 -27.89 -17.20
CA PHE B 132 52.28 -28.50 -16.86
C PHE B 132 52.95 -29.12 -18.09
N ARG B 133 54.27 -29.16 -18.08
CA ARG B 133 55.03 -29.69 -19.21
C ARG B 133 55.95 -30.82 -18.78
N PRO B 134 56.10 -31.84 -19.63
CA PRO B 134 57.01 -32.97 -19.37
C PRO B 134 58.46 -32.49 -19.19
N GLY B 135 59.17 -33.09 -18.24
CA GLY B 135 60.56 -32.77 -18.00
C GLY B 135 60.78 -31.54 -17.16
N ARG B 136 59.69 -30.98 -16.62
CA ARG B 136 59.79 -29.77 -15.80
C ARG B 136 59.57 -30.05 -14.32
N GLU B 137 60.08 -29.15 -13.49
CA GLU B 137 59.90 -29.24 -12.05
C GLU B 137 58.98 -28.15 -11.54
N TYR B 138 58.18 -28.48 -10.52
CA TYR B 138 57.26 -27.52 -9.93
C TYR B 138 57.29 -27.62 -8.41
N PHE B 139 56.98 -26.52 -7.73
CA PHE B 139 57.26 -26.42 -6.30
C PHE B 139 56.13 -25.82 -5.49
N TYR B 140 55.89 -26.41 -4.33
CA TYR B 140 54.88 -25.92 -3.40
C TYR B 140 55.50 -25.71 -2.03
N ILE B 141 55.22 -24.56 -1.43
CA ILE B 141 55.64 -24.29 -0.06
C ILE B 141 54.45 -23.84 0.75
N SER B 142 54.59 -23.84 2.07
CA SER B 142 53.49 -23.48 2.95
C SER B 142 53.95 -22.55 4.07
N SER B 143 53.05 -21.68 4.50
CA SER B 143 53.31 -20.82 5.64
C SER B 143 52.22 -21.01 6.68
N ALA B 144 52.61 -21.34 7.90
CA ALA B 144 51.67 -21.57 8.98
C ALA B 144 50.79 -20.34 9.20
N ILE B 145 49.49 -20.58 9.38
CA ILE B 145 48.55 -19.49 9.59
C ILE B 145 48.76 -18.77 10.92
N PRO B 146 48.79 -19.55 12.02
CA PRO B 146 49.11 -18.95 13.33
C PRO B 146 50.54 -18.41 13.32
N ASP B 147 51.28 -18.75 12.27
CA ASP B 147 52.65 -18.27 12.08
C ASP B 147 53.60 -18.79 13.16
N ASN B 148 54.59 -19.57 12.73
CA ASN B 148 55.61 -20.07 13.64
C ASN B 148 56.90 -19.27 13.54
N GLY B 149 57.21 -18.82 12.33
CA GLY B 149 58.41 -18.03 12.10
C GLY B 149 58.76 -17.92 10.63
N ARG B 150 58.03 -18.65 9.78
CA ARG B 150 58.26 -18.64 8.34
C ARG B 150 59.66 -19.14 8.00
N ARG B 151 60.30 -19.79 8.96
CA ARG B 151 61.65 -20.33 8.75
C ARG B 151 61.63 -21.46 7.74
N SER B 152 61.93 -22.66 8.21
CA SER B 152 61.96 -23.85 7.37
C SER B 152 60.56 -24.40 7.12
N CYS B 153 59.90 -23.83 6.12
CA CYS B 153 58.55 -24.21 5.76
C CYS B 153 58.48 -25.66 5.25
N LEU B 154 57.29 -26.24 5.32
CA LEU B 154 57.04 -27.51 4.64
C LEU B 154 56.96 -27.26 3.15
N LYS B 155 57.66 -28.08 2.37
CA LYS B 155 57.73 -27.86 0.93
C LYS B 155 57.65 -29.17 0.15
N LEU B 156 57.26 -29.07 -1.11
CA LEU B 156 57.13 -30.23 -1.98
C LEU B 156 57.58 -29.91 -3.40
N LYS B 157 58.45 -30.74 -3.95
CA LYS B 157 58.85 -30.61 -5.34
C LYS B 157 58.15 -31.67 -6.19
N VAL B 158 57.57 -31.24 -7.31
CA VAL B 158 56.96 -32.18 -8.24
C VAL B 158 57.74 -32.23 -9.54
N PHE B 159 58.27 -33.41 -9.87
CA PHE B 159 58.98 -33.59 -11.12
C PHE B 159 58.14 -34.31 -12.16
N VAL B 160 57.61 -33.54 -13.11
CA VAL B 160 56.87 -34.11 -14.23
C VAL B 160 57.84 -34.76 -15.20
N ARG B 161 57.86 -36.09 -15.23
CA ARG B 161 58.79 -36.83 -16.06
C ARG B 161 58.62 -36.51 -17.55
N PRO B 162 59.73 -36.55 -18.29
CA PRO B 162 59.76 -36.39 -19.75
C PRO B 162 58.90 -37.46 -20.43
N THR B 163 58.43 -37.18 -21.63
CA THR B 163 57.58 -38.12 -22.36
C THR B 163 58.25 -39.47 -22.52
N ASN B 164 59.57 -39.46 -22.71
CA ASN B 164 60.34 -40.70 -22.87
C ASN B 164 60.19 -41.64 -21.68
N SER B 165 60.10 -41.06 -20.49
CA SER B 165 60.04 -41.85 -19.26
C SER B 165 58.64 -42.39 -18.98
N CYS B 166 57.62 -41.62 -19.32
CA CYS B 166 56.24 -41.99 -19.05
C CYS B 166 55.68 -42.98 -20.06
N MET B 167 56.02 -44.25 -19.88
CA MET B 167 55.48 -45.33 -20.71
C MET B 167 55.81 -45.13 -22.19
N LYS B 168 55.29 -45.83 -23.05
#